data_9DTX
#
_entry.id   9DTX
#
_cell.length_a   75.190
_cell.length_b   58.880
_cell.length_c   131.080
_cell.angle_alpha   90.000
_cell.angle_beta   90.330
_cell.angle_gamma   90.000
#
_symmetry.space_group_name_H-M   'C 1 2 1'
#
loop_
_entity.id
_entity.type
_entity.pdbx_description
1 polymer Elongin-B
2 polymer Elongin-C
3 polymer 'von Hippel-Lindau disease tumor suppressor'
4 polymer 'Transcription activator BRG1'
5 non-polymer "(4R)-4-hydroxy-1-[(2R)-2-(3-{[(2S)-1-{(3R)-3-[(2M,6aS,11S)-2-(2-hydroxyphenyl)-5,6,6a,7,9,10-hexahydro-8H-pyrazino[1',2':4,5]pyrazino[2,3-c]pyridazin-8-yl]pyrrolidin-1-yl}propan-2-yl]oxy}-1,2-oxazol-5-yl)-3-methylbutanoyl]-N-{(1S)-1-[4-(4-methyl-1,3-thiazol-5-yl)phenyl]ethyl}-L-prolinamide"
6 non-polymer GLYCEROL
7 non-polymer 1,2-ETHANEDIOL
8 non-polymer 'CHLORIDE ION'
9 water water
#
loop_
_entity_poly.entity_id
_entity_poly.type
_entity_poly.pdbx_seq_one_letter_code
_entity_poly.pdbx_strand_id
1 'polypeptide(L)'
;MDVFLMIRRHKTTIFTDAKESSTVFELKRIVEGILKRPPDEQRLYKDDQLLDDGKTLGECGFTSQTARPQAPATVGLAFR
ADDTFEALCIEPFSSPPELPDVMK
;
A
2 'polypeptide(L)'
;MYVKLISSDGHEFIVKREHALTSGTIKAMLSGPGQFAENETNEVNFREIPSHVLSKVCMYFTYKVRYTNSSTEIPEFPIA
PEIALELLMAANFLDC
;
B
3 'polypeptide(L)'
;GMEAGRPRPVLRSVNSREPSQVIFCNRSPRVVLPVWLNFDGEPQPYPTLPPGTGRRIHSYRGHLWLFRDAGTHDGLLVNQ
TELFVPSLNVDGQPIFANITLPVYTLKERCLQVVRSLVKPENYRRLDIVRSLYEDLEDHPNVQKDLERLTQERIAHQRMG
D
;
C
4 'polypeptide(L)'
;GGLNDIFEAQKIEWHEAEKLSPNPPNLTKKMKKIVDAVIKYKDSSSGRQLSEVFIQLPSRKELPEYYELIRKPVDFKKIK
ERIRNHKYRSLNDLEKDVMLLCQNAQTFNLEGSLIYEDSIVLQSVFTSVRQKIEKEDD
;
D
#
loop_
_chem_comp.id
_chem_comp.type
_chem_comp.name
_chem_comp.formula
A1BB4 non-polymer (4R)-4-hydroxy-1-[(2R)-2-(3-{[(2S)-1-{(3R)-3-[(2M,6aS,11S)-2-(2-hydroxyphenyl)-5,6,6a,7,9,10-hexahydro-8H-pyrazino[1',2':4,5]pyrazino[2,3-c]pyridazin-8-yl]pyrrolidin-1-yl}propan-2-yl]oxy}-1,2-oxazol-5-yl)-3-methylbutanoyl]-N-{(1S)-1-[4-(4-methyl-1,3-thiazol-5-yl)phenyl]ethyl}-L-prolinamide 'C47 H58 N10 O6 S'
CL non-polymer 'CHLORIDE ION' 'Cl -1'
EDO non-polymer 1,2-ETHANEDIOL 'C2 H6 O2'
GOL non-polymer GLYCEROL 'C3 H8 O3'
#
# COMPACT_ATOMS: atom_id res chain seq x y z
N MET A 1 -0.80 -28.69 -9.82
CA MET A 1 -2.08 -28.16 -9.27
C MET A 1 -2.19 -28.63 -7.82
N ASP A 2 -1.75 -27.78 -6.88
CA ASP A 2 -1.75 -28.08 -5.43
C ASP A 2 -3.18 -27.93 -4.88
N VAL A 3 -3.61 -28.88 -4.05
CA VAL A 3 -4.87 -28.80 -3.25
C VAL A 3 -4.44 -28.66 -1.77
N PHE A 4 -5.15 -27.87 -0.99
CA PHE A 4 -4.82 -27.61 0.43
C PHE A 4 -5.92 -28.25 1.27
N LEU A 5 -5.50 -29.13 2.17
CA LEU A 5 -6.40 -30.09 2.87
C LEU A 5 -6.33 -29.92 4.38
N MET A 6 -7.43 -30.30 5.03
CA MET A 6 -7.48 -30.70 6.46
C MET A 6 -7.92 -32.16 6.50
N ILE A 7 -7.03 -33.03 6.93
CA ILE A 7 -7.35 -34.46 7.20
C ILE A 7 -7.78 -34.50 8.66
N ARG A 8 -9.03 -34.91 8.92
CA ARG A 8 -9.69 -34.73 10.24
C ARG A 8 -10.20 -36.09 10.76
N ARG A 9 -9.77 -36.43 11.98
CA ARG A 9 -10.33 -37.59 12.72
C ARG A 9 -10.57 -37.16 14.15
N HIS A 10 -11.80 -37.31 14.62
CA HIS A 10 -12.16 -36.93 16.00
C HIS A 10 -11.74 -35.48 16.23
N LYS A 11 -10.88 -35.26 17.23
CA LYS A 11 -10.38 -33.89 17.53
C LYS A 11 -9.00 -33.64 16.89
N THR A 12 -8.57 -34.48 15.95
CA THR A 12 -7.28 -34.33 15.26
C THR A 12 -7.54 -33.71 13.88
N THR A 13 -6.74 -32.71 13.50
CA THR A 13 -6.78 -32.07 12.14
C THR A 13 -5.35 -31.87 11.64
N ILE A 14 -5.00 -32.47 10.50
CA ILE A 14 -3.68 -32.29 9.85
C ILE A 14 -3.84 -31.30 8.69
N PHE A 15 -3.08 -30.21 8.70
CA PHE A 15 -2.93 -29.29 7.54
C PHE A 15 -1.81 -29.76 6.63
N THR A 16 -2.14 -30.06 5.37
CA THR A 16 -1.13 -30.40 4.33
C THR A 16 -1.66 -30.06 2.92
N ASP A 17 -0.74 -29.89 1.97
CA ASP A 17 -1.03 -29.80 0.53
C ASP A 17 -0.63 -31.11 -0.13
N ALA A 18 -1.22 -31.40 -1.27
CA ALA A 18 -0.88 -32.55 -2.14
C ALA A 18 -1.10 -32.09 -3.58
N LYS A 19 -0.52 -32.79 -4.54
CA LYS A 19 -0.81 -32.63 -5.99
C LYS A 19 -2.18 -33.24 -6.32
N GLU A 20 -2.92 -32.61 -7.21
CA GLU A 20 -4.18 -33.16 -7.78
C GLU A 20 -3.92 -34.53 -8.44
N SER A 21 -2.67 -34.77 -8.89
CA SER A 21 -2.22 -36.03 -9.53
C SER A 21 -1.93 -37.10 -8.47
N SER A 22 -1.47 -36.74 -7.27
CA SER A 22 -1.17 -37.68 -6.16
C SER A 22 -2.42 -38.50 -5.80
N THR A 23 -2.24 -39.69 -5.22
CA THR A 23 -3.35 -40.67 -4.96
C THR A 23 -3.76 -40.65 -3.50
N VAL A 24 -4.95 -41.22 -3.25
CA VAL A 24 -5.48 -41.45 -1.87
C VAL A 24 -4.43 -42.23 -1.07
N PHE A 25 -3.84 -43.26 -1.67
CA PHE A 25 -2.86 -44.11 -0.96
C PHE A 25 -1.67 -43.26 -0.47
N GLU A 26 -1.09 -42.46 -1.37
CA GLU A 26 0.03 -41.54 -1.05
C GLU A 26 -0.38 -40.65 0.13
N LEU A 27 -1.65 -40.23 0.18
CA LEU A 27 -2.10 -39.36 1.29
C LEU A 27 -2.02 -40.16 2.60
N LYS A 28 -2.49 -41.41 2.58
CA LYS A 28 -2.45 -42.32 3.76
C LYS A 28 -1.01 -42.45 4.25
N ARG A 29 -0.07 -42.50 3.31
CA ARG A 29 1.38 -42.56 3.64
C ARG A 29 1.73 -41.28 4.38
N ILE A 30 1.26 -40.11 3.93
CA ILE A 30 1.53 -38.83 4.65
C ILE A 30 1.00 -38.97 6.08
N VAL A 31 -0.23 -39.43 6.24
CA VAL A 31 -0.92 -39.64 7.54
C VAL A 31 -0.10 -40.61 8.40
N GLU A 32 0.45 -41.65 7.78
CA GLU A 32 1.17 -42.73 8.50
C GLU A 32 2.44 -42.12 9.11
N GLY A 33 3.18 -41.32 8.34
CA GLY A 33 4.40 -40.63 8.82
C GLY A 33 4.08 -39.72 10.00
N ILE A 34 2.85 -39.21 10.09
CA ILE A 34 2.43 -38.23 11.14
C ILE A 34 1.80 -38.98 12.31
N LEU A 35 0.83 -39.86 12.07
CA LEU A 35 -0.01 -40.42 13.17
C LEU A 35 0.35 -41.88 13.48
N LYS A 36 1.35 -42.44 12.79
CA LYS A 36 1.97 -43.76 13.10
C LYS A 36 0.92 -44.88 12.99
N ARG A 37 0.09 -44.82 11.97
CA ARG A 37 -0.86 -45.91 11.66
C ARG A 37 -0.73 -46.22 10.17
N PRO A 38 -0.46 -47.49 9.78
CA PRO A 38 -0.22 -47.82 8.38
C PRO A 38 -1.49 -47.66 7.54
N PRO A 39 -1.35 -47.48 6.20
CA PRO A 39 -2.49 -47.24 5.32
C PRO A 39 -3.66 -48.24 5.43
N ASP A 40 -3.36 -49.53 5.66
CA ASP A 40 -4.38 -50.60 5.79
C ASP A 40 -5.16 -50.42 7.11
N GLU A 41 -4.71 -49.56 8.04
CA GLU A 41 -5.50 -49.26 9.27
C GLU A 41 -6.25 -47.92 9.12
N GLN A 42 -6.26 -47.31 7.92
CA GLN A 42 -6.98 -46.04 7.66
C GLN A 42 -8.06 -46.21 6.59
N ARG A 43 -9.15 -45.47 6.77
CA ARG A 43 -10.10 -45.12 5.68
C ARG A 43 -10.15 -43.59 5.55
N LEU A 44 -10.01 -43.07 4.32
CA LEU A 44 -10.14 -41.63 3.99
C LEU A 44 -11.45 -41.42 3.24
N TYR A 45 -12.11 -40.28 3.52
CA TYR A 45 -13.46 -39.95 3.05
C TYR A 45 -13.42 -38.56 2.44
N LYS A 46 -14.22 -38.38 1.40
CA LYS A 46 -14.57 -37.04 0.94
C LYS A 46 -16.05 -36.97 1.24
N ASP A 47 -16.45 -36.10 2.15
CA ASP A 47 -17.84 -36.10 2.68
C ASP A 47 -18.14 -37.52 3.16
N ASP A 48 -19.23 -38.10 2.67
CA ASP A 48 -19.65 -39.46 3.10
C ASP A 48 -19.08 -40.56 2.20
N GLN A 49 -18.28 -40.22 1.19
CA GLN A 49 -17.80 -41.19 0.18
C GLN A 49 -16.43 -41.73 0.62
N LEU A 50 -16.35 -43.04 0.85
CA LEU A 50 -15.07 -43.74 1.06
C LEU A 50 -14.23 -43.58 -0.21
N LEU A 51 -12.97 -43.15 -0.10
CA LEU A 51 -12.07 -42.92 -1.26
C LEU A 51 -11.25 -44.18 -1.54
N ASP A 52 -11.05 -44.50 -2.82
CA ASP A 52 -10.29 -45.70 -3.24
C ASP A 52 -8.81 -45.32 -3.33
N ASP A 53 -7.97 -46.22 -2.84
CA ASP A 53 -6.52 -46.04 -2.67
C ASP A 53 -5.92 -45.58 -3.99
N GLY A 54 -6.38 -46.15 -5.10
CA GLY A 54 -5.79 -45.97 -6.44
C GLY A 54 -6.23 -44.67 -7.10
N LYS A 55 -7.27 -44.02 -6.56
CA LYS A 55 -7.80 -42.74 -7.11
C LYS A 55 -6.81 -41.62 -6.81
N THR A 56 -6.62 -40.74 -7.79
CA THR A 56 -5.98 -39.43 -7.59
C THR A 56 -6.98 -38.57 -6.82
N LEU A 57 -6.51 -37.57 -6.11
CA LEU A 57 -7.39 -36.63 -5.39
C LEU A 57 -8.26 -35.90 -6.43
N GLY A 58 -7.71 -35.57 -7.60
CA GLY A 58 -8.48 -35.00 -8.71
C GLY A 58 -9.71 -35.86 -9.01
N GLU A 59 -9.53 -37.17 -9.10
CA GLU A 59 -10.61 -38.10 -9.49
C GLU A 59 -11.62 -38.23 -8.35
N CYS A 60 -11.24 -37.93 -7.11
CA CYS A 60 -12.10 -37.96 -5.90
C CYS A 60 -12.96 -36.68 -5.80
N GLY A 61 -12.62 -35.68 -6.61
CA GLY A 61 -13.40 -34.43 -6.78
C GLY A 61 -12.79 -33.25 -6.04
N PHE A 62 -11.57 -33.39 -5.53
CA PHE A 62 -10.80 -32.26 -4.96
C PHE A 62 -10.28 -31.44 -6.13
N THR A 63 -10.38 -30.12 -6.09
CA THR A 63 -9.75 -29.23 -7.11
C THR A 63 -8.99 -28.12 -6.41
N SER A 64 -8.04 -27.50 -7.10
CA SER A 64 -7.27 -26.34 -6.57
C SER A 64 -8.25 -25.24 -6.16
N GLN A 65 -9.35 -25.08 -6.88
CA GLN A 65 -10.31 -23.95 -6.69
C GLN A 65 -11.19 -24.11 -5.44
N THR A 66 -11.49 -25.36 -5.11
CA THR A 66 -12.29 -25.82 -3.94
C THR A 66 -11.40 -26.32 -2.78
N ALA A 67 -10.08 -26.18 -2.87
CA ALA A 67 -9.13 -26.64 -1.85
C ALA A 67 -7.99 -25.61 -1.75
N ARG A 68 -8.31 -24.45 -1.21
CA ARG A 68 -7.41 -23.27 -1.23
C ARG A 68 -6.68 -23.17 0.10
N PRO A 69 -5.48 -22.54 0.13
CA PRO A 69 -4.76 -22.30 1.38
C PRO A 69 -5.60 -21.72 2.54
N GLN A 70 -6.40 -20.69 2.22
CA GLN A 70 -7.23 -19.92 3.20
C GLN A 70 -8.58 -20.60 3.47
N ALA A 71 -8.90 -21.66 2.73
CA ALA A 71 -10.21 -22.38 2.73
C ALA A 71 -9.97 -23.83 2.30
N PRO A 72 -9.23 -24.61 3.11
CA PRO A 72 -8.89 -25.98 2.72
C PRO A 72 -10.08 -26.93 2.66
N ALA A 73 -9.95 -27.97 1.82
CA ALA A 73 -10.95 -29.04 1.67
C ALA A 73 -10.66 -30.06 2.76
N THR A 74 -11.73 -30.63 3.31
CA THR A 74 -11.71 -31.66 4.37
C THR A 74 -11.69 -33.05 3.74
N VAL A 75 -10.80 -33.90 4.23
CA VAL A 75 -10.74 -35.38 4.07
C VAL A 75 -11.00 -36.00 5.44
N GLY A 76 -12.03 -36.82 5.58
CA GLY A 76 -12.32 -37.55 6.83
C GLY A 76 -11.37 -38.73 6.96
N LEU A 77 -11.02 -39.11 8.20
CA LEU A 77 -10.11 -40.23 8.53
C LEU A 77 -10.75 -41.09 9.62
N ALA A 78 -10.81 -42.40 9.37
CA ALA A 78 -11.34 -43.42 10.30
C ALA A 78 -10.26 -44.47 10.47
N PHE A 79 -10.01 -44.93 11.69
CA PHE A 79 -8.95 -45.92 11.98
C PHE A 79 -9.57 -47.30 12.18
N ARG A 80 -8.84 -48.34 11.82
CA ARG A 80 -9.24 -49.72 12.16
C ARG A 80 -8.75 -50.01 13.57
N ALA A 81 -9.66 -50.32 14.49
CA ALA A 81 -9.31 -50.78 15.85
C ALA A 81 -9.55 -52.28 15.88
N ASP A 82 -8.50 -53.04 16.13
CA ASP A 82 -8.55 -54.53 16.12
C ASP A 82 -9.11 -54.96 14.77
N ASP A 83 -10.18 -55.75 14.78
CA ASP A 83 -10.75 -56.31 13.53
C ASP A 83 -11.38 -55.25 12.61
N THR A 84 -12.08 -54.23 13.11
CA THR A 84 -12.91 -53.36 12.21
C THR A 84 -12.68 -51.85 12.41
N PHE A 85 -12.96 -51.10 11.35
CA PHE A 85 -12.92 -49.63 11.30
C PHE A 85 -14.02 -49.07 12.20
N GLU A 86 -13.71 -47.98 12.89
CA GLU A 86 -14.70 -47.12 13.58
C GLU A 86 -15.59 -46.45 12.51
N ALA A 87 -16.78 -46.02 12.90
CA ALA A 87 -17.63 -45.06 12.16
C ALA A 87 -16.86 -43.74 12.03
N LEU A 88 -16.76 -43.19 10.82
CA LEU A 88 -16.18 -41.84 10.60
C LEU A 88 -16.77 -40.89 11.67
N CYS A 89 -15.92 -40.26 12.48
CA CYS A 89 -16.33 -39.22 13.47
C CYS A 89 -15.37 -38.05 13.32
N ILE A 90 -15.92 -36.85 13.08
CA ILE A 90 -15.14 -35.58 13.02
C ILE A 90 -15.78 -34.64 14.02
N GLU A 91 -15.07 -34.26 15.08
CA GLU A 91 -15.67 -33.36 16.11
C GLU A 91 -15.66 -31.94 15.56
N PRO A 92 -16.79 -31.19 15.67
CA PRO A 92 -16.86 -29.79 15.23
C PRO A 92 -15.93 -28.89 16.05
N PHE A 93 -15.47 -27.80 15.43
CA PHE A 93 -14.75 -26.71 16.13
C PHE A 93 -15.76 -26.04 17.07
N SER A 94 -15.25 -25.32 18.07
CA SER A 94 -16.08 -24.55 19.04
C SER A 94 -16.92 -23.55 18.24
N SER A 95 -18.02 -23.11 18.82
CA SER A 95 -18.92 -22.05 18.30
C SER A 95 -18.36 -20.70 18.69
N PRO A 96 -18.34 -19.68 17.80
CA PRO A 96 -18.00 -18.33 18.18
C PRO A 96 -19.13 -17.73 19.01
N PRO A 97 -18.82 -16.74 19.88
CA PRO A 97 -19.85 -16.06 20.65
C PRO A 97 -20.74 -15.19 19.74
N GLU A 98 -21.84 -14.73 20.29
CA GLU A 98 -22.75 -13.72 19.67
C GLU A 98 -21.91 -12.50 19.25
N LEU A 99 -22.15 -11.96 18.06
CA LEU A 99 -21.58 -10.65 17.63
C LEU A 99 -21.75 -9.64 18.77
N PRO A 100 -20.67 -8.99 19.26
CA PRO A 100 -20.78 -7.91 20.24
C PRO A 100 -21.53 -6.69 19.66
N ASP A 101 -22.19 -5.92 20.53
CA ASP A 101 -23.21 -4.90 20.16
C ASP A 101 -22.66 -3.93 19.11
N VAL A 102 -21.46 -3.41 19.36
CA VAL A 102 -20.75 -2.40 18.51
C VAL A 102 -20.41 -2.95 17.12
N MET A 103 -20.50 -4.26 16.88
CA MET A 103 -20.22 -4.89 15.55
C MET A 103 -21.53 -5.18 14.78
N LYS A 104 -22.64 -4.60 15.24
CA LYS A 104 -23.98 -4.68 14.59
C LYS A 104 -24.73 -3.37 14.80
N MET B 1 8.60 -32.06 8.51
CA MET B 1 8.46 -32.21 9.99
C MET B 1 7.32 -31.33 10.51
N TYR B 2 6.50 -31.93 11.35
CA TYR B 2 5.19 -31.39 11.80
C TYR B 2 5.28 -31.08 13.29
N VAL B 3 4.52 -30.06 13.70
CA VAL B 3 4.29 -29.70 15.14
C VAL B 3 2.79 -29.76 15.37
N LYS B 4 2.39 -29.90 16.63
CA LYS B 4 0.98 -30.01 17.07
C LYS B 4 0.65 -28.82 17.94
N LEU B 5 -0.33 -28.01 17.53
CA LEU B 5 -0.91 -26.86 18.29
C LEU B 5 -2.25 -27.29 18.88
N ILE B 6 -2.44 -27.17 20.19
CA ILE B 6 -3.69 -27.68 20.84
C ILE B 6 -4.53 -26.51 21.33
N SER B 7 -5.80 -26.45 20.93
CA SER B 7 -6.76 -25.41 21.39
C SER B 7 -7.16 -25.61 22.85
N SER B 8 -7.84 -24.61 23.40
CA SER B 8 -8.39 -24.59 24.79
C SER B 8 -9.41 -25.72 24.93
N ASP B 9 -10.10 -26.08 23.82
CA ASP B 9 -11.16 -27.14 23.84
C ASP B 9 -10.61 -28.48 23.34
N GLY B 10 -9.29 -28.64 23.24
CA GLY B 10 -8.58 -29.92 23.10
C GLY B 10 -8.52 -30.42 21.66
N HIS B 11 -8.76 -29.53 20.69
CA HIS B 11 -8.52 -29.86 19.26
C HIS B 11 -7.02 -29.82 19.01
N GLU B 12 -6.51 -30.83 18.33
CA GLU B 12 -5.08 -30.98 18.02
C GLU B 12 -4.96 -30.66 16.54
N PHE B 13 -4.22 -29.59 16.23
CA PHE B 13 -3.91 -29.11 14.87
C PHE B 13 -2.46 -29.45 14.56
N ILE B 14 -2.23 -30.30 13.56
CA ILE B 14 -0.87 -30.68 13.12
C ILE B 14 -0.53 -29.87 11.86
N VAL B 15 0.53 -29.06 11.94
CA VAL B 15 1.01 -28.20 10.84
C VAL B 15 2.51 -28.38 10.67
N LYS B 16 3.03 -28.09 9.48
CA LYS B 16 4.49 -28.07 9.26
C LYS B 16 5.12 -27.08 10.24
N ARG B 17 6.21 -27.51 10.85
CA ARG B 17 7.06 -26.67 11.71
C ARG B 17 7.26 -25.31 11.01
N GLU B 18 7.68 -25.34 9.75
CA GLU B 18 7.96 -24.14 8.94
C GLU B 18 6.76 -23.18 9.00
N HIS B 19 5.54 -23.69 8.85
CA HIS B 19 4.29 -22.89 8.86
C HIS B 19 4.09 -22.29 10.26
N ALA B 20 4.26 -23.08 11.30
CA ALA B 20 4.05 -22.63 12.68
C ALA B 20 5.08 -21.55 13.03
N LEU B 21 6.31 -21.63 12.49
CA LEU B 21 7.38 -20.64 12.83
C LEU B 21 7.08 -19.30 12.15
N THR B 22 5.98 -19.18 11.40
CA THR B 22 5.36 -17.89 11.03
C THR B 22 5.16 -17.06 12.33
N SER B 23 4.83 -17.69 13.47
CA SER B 23 4.65 -16.98 14.77
C SER B 23 5.96 -17.00 15.56
N GLY B 24 6.48 -15.82 15.90
CA GLY B 24 7.64 -15.70 16.79
C GLY B 24 7.32 -16.29 18.16
N THR B 25 6.09 -16.09 18.63
CA THR B 25 5.58 -16.65 19.91
C THR B 25 5.72 -18.17 19.90
N ILE B 26 5.20 -18.83 18.87
CA ILE B 26 5.28 -20.31 18.77
C ILE B 26 6.74 -20.74 18.66
N LYS B 27 7.56 -20.02 17.90
CA LYS B 27 9.00 -20.35 17.77
C LYS B 27 9.59 -20.52 19.18
N ALA B 28 9.28 -19.60 20.10
CA ALA B 28 9.81 -19.51 21.48
C ALA B 28 9.23 -20.64 22.33
N MET B 29 7.94 -20.94 22.15
CA MET B 29 7.27 -22.00 22.94
C MET B 29 7.85 -23.37 22.60
N LEU B 30 8.31 -23.54 21.36
CA LEU B 30 8.91 -24.81 20.87
C LEU B 30 10.33 -24.98 21.42
N SER B 31 11.04 -23.87 21.62
CA SER B 31 12.45 -23.83 22.10
C SER B 31 12.52 -23.58 23.61
N GLY B 32 11.90 -24.45 24.42
CA GLY B 32 11.85 -24.34 25.90
C GLY B 32 10.41 -24.19 26.42
N PRO B 33 10.00 -22.99 26.91
CA PRO B 33 8.64 -22.80 27.45
C PRO B 33 7.57 -22.77 26.36
N THR B 41 8.74 -30.61 24.00
CA THR B 41 8.46 -31.55 22.87
C THR B 41 8.18 -30.73 21.60
N ASN B 42 7.54 -31.34 20.58
CA ASN B 42 7.09 -30.67 19.32
C ASN B 42 5.58 -30.40 19.38
N GLU B 43 5.08 -30.01 20.55
CA GLU B 43 3.65 -29.76 20.83
C GLU B 43 3.52 -28.50 21.65
N VAL B 44 2.45 -27.72 21.44
CA VAL B 44 2.18 -26.45 22.15
C VAL B 44 0.69 -26.42 22.54
N ASN B 45 0.37 -26.13 23.81
CA ASN B 45 -1.03 -25.89 24.26
C ASN B 45 -1.36 -24.41 24.30
N PHE B 46 -2.48 -23.99 23.71
CA PHE B 46 -3.05 -22.62 23.90
C PHE B 46 -4.32 -22.69 24.75
N ARG B 47 -4.18 -22.31 26.02
CA ARG B 47 -5.24 -22.46 27.03
C ARG B 47 -6.33 -21.43 26.76
N GLU B 48 -6.04 -20.42 25.96
CA GLU B 48 -7.02 -19.33 25.74
C GLU B 48 -7.36 -19.22 24.26
N ILE B 49 -6.95 -20.14 23.40
CA ILE B 49 -7.33 -20.06 21.96
C ILE B 49 -8.20 -21.25 21.60
N PRO B 50 -9.51 -21.04 21.38
CA PRO B 50 -10.43 -22.12 21.01
C PRO B 50 -10.29 -22.55 19.54
N SER B 51 -10.82 -23.73 19.25
CA SER B 51 -10.56 -24.47 18.00
C SER B 51 -11.07 -23.63 16.81
N HIS B 52 -12.13 -22.82 16.99
CA HIS B 52 -12.69 -22.00 15.89
C HIS B 52 -11.78 -20.81 15.58
N VAL B 53 -10.87 -20.48 16.49
CA VAL B 53 -9.84 -19.44 16.27
C VAL B 53 -8.54 -20.08 15.76
N LEU B 54 -8.03 -21.12 16.43
CA LEU B 54 -6.73 -21.77 16.10
C LEU B 54 -6.79 -22.40 14.69
N SER B 55 -7.93 -22.99 14.29
CA SER B 55 -8.05 -23.55 12.93
C SER B 55 -7.80 -22.42 11.92
N LYS B 56 -8.31 -21.23 12.18
CA LYS B 56 -8.19 -20.10 11.25
C LYS B 56 -6.75 -19.62 11.22
N VAL B 57 -6.08 -19.61 12.37
CA VAL B 57 -4.64 -19.26 12.46
C VAL B 57 -3.86 -20.21 11.56
N CYS B 58 -4.11 -21.52 11.65
CA CYS B 58 -3.39 -22.54 10.85
C CYS B 58 -3.64 -22.30 9.36
N MET B 59 -4.87 -21.96 9.01
CA MET B 59 -5.21 -21.62 7.61
C MET B 59 -4.41 -20.39 7.19
N TYR B 60 -4.23 -19.41 8.08
CA TYR B 60 -3.43 -18.18 7.83
C TYR B 60 -1.99 -18.61 7.53
N PHE B 61 -1.41 -19.48 8.35
CA PHE B 61 -0.04 -19.99 8.08
C PHE B 61 0.03 -20.54 6.65
N THR B 62 -0.94 -21.36 6.24
CA THR B 62 -0.92 -22.01 4.90
C THR B 62 -0.88 -20.90 3.86
N TYR B 63 -1.75 -19.91 4.03
CA TYR B 63 -1.98 -18.81 3.08
C TYR B 63 -0.70 -17.98 2.96
N LYS B 64 -0.12 -17.66 4.11
CA LYS B 64 1.11 -16.83 4.20
C LYS B 64 2.24 -17.51 3.42
N VAL B 65 2.49 -18.77 3.74
CA VAL B 65 3.60 -19.53 3.14
C VAL B 65 3.37 -19.68 1.65
N ARG B 66 2.13 -19.90 1.22
CA ARG B 66 1.82 -20.09 -0.22
C ARG B 66 2.01 -18.78 -0.99
N TYR B 67 1.52 -17.64 -0.49
CA TYR B 67 1.44 -16.40 -1.31
C TYR B 67 2.60 -15.45 -1.04
N THR B 68 3.43 -15.67 -0.03
CA THR B 68 4.63 -14.83 0.18
C THR B 68 5.59 -15.06 -0.99
N ASN B 69 6.11 -13.96 -1.57
CA ASN B 69 7.07 -13.93 -2.70
C ASN B 69 6.53 -14.75 -3.85
N SER B 70 5.27 -14.53 -4.21
CA SER B 70 4.59 -15.24 -5.32
C SER B 70 3.99 -14.22 -6.27
N SER B 71 4.12 -14.47 -7.57
CA SER B 71 3.62 -13.63 -8.69
C SER B 71 2.11 -13.86 -8.86
N THR B 72 1.65 -15.09 -8.61
CA THR B 72 0.22 -15.50 -8.51
C THR B 72 -0.59 -14.36 -7.91
N GLU B 73 -1.77 -14.10 -8.46
CA GLU B 73 -2.72 -13.11 -7.90
C GLU B 73 -3.11 -13.58 -6.49
N ILE B 74 -3.05 -12.68 -5.51
CA ILE B 74 -3.26 -13.03 -4.07
C ILE B 74 -4.74 -12.79 -3.76
N PRO B 75 -5.47 -13.82 -3.31
CA PRO B 75 -6.85 -13.64 -2.86
C PRO B 75 -6.89 -13.04 -1.45
N GLU B 76 -8.02 -12.44 -1.05
CA GLU B 76 -8.28 -11.89 0.30
C GLU B 76 -8.26 -13.04 1.32
N PHE B 77 -7.63 -12.85 2.46
CA PHE B 77 -7.77 -13.79 3.60
C PHE B 77 -9.10 -13.48 4.28
N PRO B 78 -10.05 -14.44 4.26
CA PRO B 78 -11.40 -14.17 4.75
C PRO B 78 -11.53 -14.37 6.26
N ILE B 79 -12.20 -13.44 6.95
CA ILE B 79 -12.49 -13.52 8.41
C ILE B 79 -13.97 -13.18 8.61
N ALA B 80 -14.74 -14.13 9.16
CA ALA B 80 -16.15 -13.92 9.53
C ALA B 80 -16.18 -12.89 10.64
N PRO B 81 -17.13 -11.92 10.59
CA PRO B 81 -17.32 -10.95 11.67
C PRO B 81 -17.28 -11.60 13.05
N GLU B 82 -17.93 -12.77 13.21
CA GLU B 82 -18.16 -13.45 14.50
C GLU B 82 -16.87 -13.97 15.12
N ILE B 83 -15.82 -14.16 14.34
CA ILE B 83 -14.52 -14.64 14.88
C ILE B 83 -13.50 -13.51 14.94
N ALA B 84 -13.82 -12.33 14.43
CA ALA B 84 -12.79 -11.32 14.09
C ALA B 84 -12.09 -10.81 15.36
N LEU B 85 -12.83 -10.51 16.42
CA LEU B 85 -12.23 -10.04 17.71
C LEU B 85 -11.31 -11.10 18.31
N GLU B 86 -11.73 -12.36 18.41
CA GLU B 86 -10.89 -13.43 19.00
C GLU B 86 -9.67 -13.66 18.11
N LEU B 87 -9.82 -13.60 16.78
CA LEU B 87 -8.68 -13.86 15.86
C LEU B 87 -7.65 -12.75 16.06
N LEU B 88 -8.11 -11.51 16.20
CA LEU B 88 -7.23 -10.35 16.47
C LEU B 88 -6.42 -10.63 17.75
N MET B 89 -7.10 -11.07 18.81
CA MET B 89 -6.46 -11.31 20.15
C MET B 89 -5.41 -12.41 19.97
N ALA B 90 -5.73 -13.45 19.24
CA ALA B 90 -4.78 -14.54 18.96
C ALA B 90 -3.62 -14.00 18.14
N ALA B 91 -3.87 -13.23 17.06
CA ALA B 91 -2.80 -12.70 16.19
C ALA B 91 -1.91 -11.77 17.03
N ASN B 92 -2.49 -10.96 17.87
CA ASN B 92 -1.68 -10.08 18.76
C ASN B 92 -0.74 -10.92 19.64
N PHE B 93 -1.26 -11.96 20.28
CA PHE B 93 -0.46 -12.87 21.16
C PHE B 93 0.61 -13.58 20.34
N LEU B 94 0.26 -14.09 19.15
CA LEU B 94 1.18 -14.94 18.37
C LEU B 94 2.18 -14.09 17.60
N ASP B 95 1.89 -12.81 17.47
CA ASP B 95 2.71 -11.85 16.70
C ASP B 95 2.84 -12.29 15.22
N CYS B 96 1.71 -12.50 14.54
CA CYS B 96 1.75 -12.92 13.10
C CYS B 96 0.63 -12.25 12.29
N PRO C 9 13.80 15.92 3.76
CA PRO C 9 13.81 14.76 2.83
C PRO C 9 12.43 14.62 2.12
N VAL C 10 12.40 14.51 0.79
CA VAL C 10 11.13 14.50 -0.01
C VAL C 10 11.20 13.44 -1.14
N LEU C 11 10.22 12.51 -1.15
CA LEU C 11 9.89 11.54 -2.24
C LEU C 11 8.91 12.20 -3.22
N ARG C 12 9.28 12.41 -4.48
CA ARG C 12 8.43 13.29 -5.34
C ARG C 12 8.58 12.95 -6.81
N SER C 13 7.58 13.30 -7.59
CA SER C 13 7.68 13.21 -9.06
C SER C 13 8.74 14.21 -9.50
N VAL C 14 9.52 13.79 -10.51
CA VAL C 14 10.44 14.61 -11.32
C VAL C 14 9.66 15.19 -12.50
N ASN C 15 9.80 16.49 -12.77
CA ASN C 15 9.15 17.14 -13.94
C ASN C 15 9.98 16.85 -15.18
N SER C 16 9.93 15.61 -15.67
CA SER C 16 10.77 15.08 -16.76
C SER C 16 10.29 15.68 -18.08
N ARG C 17 8.99 15.99 -18.14
CA ARG C 17 8.27 16.53 -19.34
C ARG C 17 8.12 15.45 -20.42
N GLU C 18 8.39 14.18 -20.12
CA GLU C 18 8.46 13.07 -21.12
C GLU C 18 7.26 12.16 -20.94
N PRO C 19 6.23 12.23 -21.81
CA PRO C 19 5.03 11.41 -21.66
C PRO C 19 5.40 9.93 -21.50
N SER C 20 4.59 9.17 -20.76
CA SER C 20 4.67 7.69 -20.63
C SER C 20 3.27 7.15 -20.49
N GLN C 21 2.91 6.18 -21.32
CA GLN C 21 1.58 5.51 -21.31
C GLN C 21 1.70 4.31 -20.39
N VAL C 22 0.73 4.15 -19.50
CA VAL C 22 0.74 3.09 -18.45
C VAL C 22 -0.63 2.40 -18.50
N ILE C 23 -0.66 1.09 -18.28
CA ILE C 23 -1.94 0.40 -17.90
C ILE C 23 -1.96 0.22 -16.37
N PHE C 24 -2.93 0.82 -15.67
CA PHE C 24 -3.23 0.49 -14.25
C PHE C 24 -4.15 -0.72 -14.35
N CYS C 25 -3.67 -1.89 -13.96
CA CYS C 25 -4.45 -3.14 -13.99
C CYS C 25 -4.73 -3.58 -12.54
N ASN C 26 -5.99 -3.50 -12.12
CA ASN C 26 -6.43 -3.91 -10.77
C ASN C 26 -6.56 -5.44 -10.74
N ARG C 27 -5.56 -6.13 -10.16
CA ARG C 27 -5.56 -7.58 -9.88
C ARG C 27 -5.78 -7.82 -8.36
N SER C 28 -6.60 -7.02 -7.71
CA SER C 28 -6.92 -7.11 -6.26
C SER C 28 -8.42 -7.16 -6.09
N PRO C 29 -8.95 -7.63 -4.95
CA PRO C 29 -10.39 -7.55 -4.72
C PRO C 29 -10.89 -6.18 -4.22
N ARG C 30 -10.03 -5.17 -4.16
CA ARG C 30 -10.36 -3.85 -3.56
C ARG C 30 -10.69 -2.86 -4.68
N VAL C 31 -11.55 -1.88 -4.37
CA VAL C 31 -11.67 -0.64 -5.17
C VAL C 31 -10.33 0.09 -5.02
N VAL C 32 -9.61 0.31 -6.12
CA VAL C 32 -8.21 0.83 -6.02
C VAL C 32 -8.19 2.34 -6.22
N LEU C 33 -7.51 3.06 -5.34
CA LEU C 33 -7.24 4.50 -5.47
C LEU C 33 -5.81 4.67 -5.97
N PRO C 34 -5.60 5.13 -7.23
CA PRO C 34 -4.27 5.59 -7.64
C PRO C 34 -3.93 6.92 -6.95
N VAL C 35 -2.70 7.04 -6.44
CA VAL C 35 -2.21 8.24 -5.72
C VAL C 35 -0.92 8.70 -6.37
N TRP C 36 -0.93 9.94 -6.88
CA TRP C 36 0.18 10.57 -7.63
C TRP C 36 0.89 11.48 -6.65
N LEU C 37 2.21 11.31 -6.51
CA LEU C 37 3.00 12.20 -5.63
C LEU C 37 3.45 13.35 -6.53
N ASN C 38 2.98 14.57 -6.26
CA ASN C 38 3.22 15.72 -7.17
C ASN C 38 4.68 16.13 -7.01
N PHE C 39 5.05 17.27 -7.58
CA PHE C 39 6.46 17.71 -7.65
C PHE C 39 6.94 18.17 -6.27
N ASP C 40 6.02 18.40 -5.32
CA ASP C 40 6.37 18.76 -3.91
C ASP C 40 6.15 17.56 -2.98
N GLY C 41 5.96 16.34 -3.50
CA GLY C 41 5.77 15.14 -2.67
C GLY C 41 4.36 14.97 -2.12
N GLU C 42 3.42 15.85 -2.47
CA GLU C 42 2.04 15.86 -1.93
C GLU C 42 1.19 14.83 -2.69
N PRO C 43 0.52 13.89 -1.98
CA PRO C 43 -0.32 12.89 -2.63
C PRO C 43 -1.59 13.52 -3.22
N GLN C 44 -1.93 13.15 -4.45
CA GLN C 44 -3.13 13.60 -5.18
C GLN C 44 -3.95 12.40 -5.62
N PRO C 45 -5.22 12.29 -5.21
CA PRO C 45 -6.06 11.15 -5.57
C PRO C 45 -6.57 11.21 -7.01
N TYR C 46 -6.61 10.04 -7.64
CA TYR C 46 -7.02 9.85 -9.05
C TYR C 46 -8.28 9.01 -9.05
N PRO C 47 -9.01 8.96 -10.19
CA PRO C 47 -10.21 8.14 -10.28
C PRO C 47 -9.91 6.70 -9.87
N THR C 48 -10.90 6.06 -9.28
CA THR C 48 -10.75 4.72 -8.68
C THR C 48 -10.97 3.65 -9.75
N LEU C 49 -10.42 2.45 -9.51
CA LEU C 49 -10.62 1.26 -10.38
C LEU C 49 -11.38 0.22 -9.58
N PRO C 50 -12.60 -0.17 -10.00
CA PRO C 50 -13.25 -1.35 -9.43
C PRO C 50 -12.37 -2.58 -9.56
N PRO C 51 -12.57 -3.60 -8.71
CA PRO C 51 -11.89 -4.88 -8.88
C PRO C 51 -12.19 -5.38 -10.30
N GLY C 52 -11.20 -6.02 -10.93
CA GLY C 52 -11.34 -6.72 -12.21
C GLY C 52 -11.36 -5.74 -13.36
N THR C 53 -10.74 -4.56 -13.20
CA THR C 53 -10.73 -3.49 -14.22
C THR C 53 -9.29 -3.02 -14.43
N GLY C 54 -9.03 -2.50 -15.63
CA GLY C 54 -7.75 -1.87 -15.99
C GLY C 54 -8.01 -0.60 -16.78
N ARG C 55 -7.04 0.31 -16.85
CA ARG C 55 -7.19 1.56 -17.62
C ARG C 55 -5.84 1.95 -18.18
N ARG C 56 -5.83 2.35 -19.44
CA ARG C 56 -4.66 2.95 -20.10
C ARG C 56 -4.68 4.43 -19.69
N ILE C 57 -3.57 4.93 -19.15
CA ILE C 57 -3.53 6.35 -18.66
C ILE C 57 -2.20 6.98 -19.07
N HIS C 58 -2.24 8.30 -19.21
CA HIS C 58 -1.08 9.16 -19.59
C HIS C 58 -0.43 9.72 -18.32
N SER C 59 0.85 9.43 -18.18
CA SER C 59 1.75 9.89 -17.08
C SER C 59 3.03 10.43 -17.74
N TYR C 60 4.14 10.38 -17.02
CA TYR C 60 5.45 10.94 -17.41
C TYR C 60 6.54 10.08 -16.77
N ARG C 61 7.66 9.96 -17.46
CA ARG C 61 8.85 9.29 -16.89
C ARG C 61 9.18 9.97 -15.54
N GLY C 62 9.63 9.21 -14.55
CA GLY C 62 10.06 9.76 -13.26
C GLY C 62 8.92 10.30 -12.40
N HIS C 63 7.66 10.15 -12.81
CA HIS C 63 6.49 10.41 -11.90
C HIS C 63 6.33 9.23 -10.93
N LEU C 64 5.83 9.51 -9.72
CA LEU C 64 5.73 8.53 -8.59
C LEU C 64 4.26 8.26 -8.29
N TRP C 65 3.90 6.98 -8.20
CA TRP C 65 2.53 6.51 -7.88
C TRP C 65 2.56 5.52 -6.72
N LEU C 66 1.54 5.54 -5.85
CA LEU C 66 1.21 4.39 -5.00
C LEU C 66 -0.29 4.12 -5.11
N PHE C 67 -0.73 2.99 -4.58
CA PHE C 67 -2.11 2.46 -4.75
C PHE C 67 -2.62 1.96 -3.40
N ARG C 68 -3.85 2.34 -3.09
CA ARG C 68 -4.47 2.00 -1.81
C ARG C 68 -5.90 1.54 -2.09
N ASP C 69 -6.44 0.86 -1.10
CA ASP C 69 -7.89 0.69 -0.94
C ASP C 69 -8.55 2.07 -0.92
N ALA C 70 -9.45 2.29 -1.85
CA ALA C 70 -10.13 3.61 -2.02
C ALA C 70 -10.92 3.96 -0.76
N GLY C 71 -11.42 3.00 0.00
CA GLY C 71 -12.31 3.26 1.16
C GLY C 71 -11.51 3.48 2.44
N THR C 72 -10.49 2.65 2.70
CA THR C 72 -9.78 2.55 4.02
C THR C 72 -8.37 3.09 3.92
N HIS C 73 -7.85 3.23 2.69
CA HIS C 73 -6.44 3.54 2.39
C HIS C 73 -5.50 2.42 2.92
N ASP C 74 -5.97 1.19 3.14
CA ASP C 74 -5.07 0.04 3.26
C ASP C 74 -4.08 0.07 2.09
N GLY C 75 -2.83 -0.27 2.36
CA GLY C 75 -1.73 -0.36 1.40
C GLY C 75 -1.95 -1.47 0.39
N LEU C 76 -1.65 -1.21 -0.88
CA LEU C 76 -1.62 -2.24 -1.94
C LEU C 76 -0.26 -2.26 -2.59
N LEU C 77 0.03 -3.31 -3.35
CA LEU C 77 1.34 -3.38 -4.07
C LEU C 77 1.13 -3.09 -5.56
N VAL C 78 2.18 -2.61 -6.22
CA VAL C 78 2.20 -2.36 -7.69
C VAL C 78 3.47 -2.98 -8.23
N ASN C 79 3.34 -3.93 -9.16
CA ASN C 79 4.51 -4.73 -9.64
C ASN C 79 5.33 -5.20 -8.43
N GLN C 80 4.64 -5.65 -7.39
CA GLN C 80 5.19 -6.37 -6.21
C GLN C 80 5.91 -5.42 -5.26
N THR C 81 5.80 -4.11 -5.43
CA THR C 81 6.48 -3.11 -4.58
C THR C 81 5.49 -2.00 -4.24
N GLU C 82 5.85 -1.06 -3.39
CA GLU C 82 4.93 -0.01 -2.87
C GLU C 82 4.87 1.16 -3.86
N LEU C 83 5.94 1.45 -4.61
CA LEU C 83 5.99 2.62 -5.53
C LEU C 83 6.12 2.17 -6.99
N PHE C 84 5.51 2.94 -7.86
CA PHE C 84 5.52 2.73 -9.33
C PHE C 84 6.00 4.01 -9.99
N VAL C 85 7.07 3.89 -10.77
CA VAL C 85 7.68 5.01 -11.53
C VAL C 85 7.67 4.62 -12.99
N PRO C 86 6.82 5.22 -13.86
CA PRO C 86 6.86 4.91 -15.28
C PRO C 86 8.25 5.22 -15.83
N SER C 87 8.73 4.38 -16.74
CA SER C 87 9.93 4.65 -17.58
C SER C 87 9.46 5.01 -19.00
N LEU C 88 10.40 5.20 -19.91
N LEU C 88 10.40 5.19 -19.92
CA LEU C 88 10.11 5.45 -21.35
CA LEU C 88 10.16 5.44 -21.38
C LEU C 88 9.55 4.16 -21.98
C LEU C 88 9.57 4.17 -22.03
N ASN C 89 8.41 4.28 -22.68
CA ASN C 89 7.78 3.17 -23.45
C ASN C 89 8.71 2.74 -24.60
N VAL C 90 8.82 1.45 -24.85
CA VAL C 90 9.59 0.89 -26.00
C VAL C 90 8.62 0.19 -26.94
N ASP C 91 8.73 0.50 -28.24
CA ASP C 91 7.99 -0.16 -29.35
C ASP C 91 6.48 0.00 -29.14
N GLY C 92 6.05 1.20 -28.74
CA GLY C 92 4.63 1.57 -28.55
C GLY C 92 3.91 0.69 -27.53
N GLN C 93 4.63 0.02 -26.63
CA GLN C 93 4.02 -0.77 -25.53
C GLN C 93 3.84 0.12 -24.30
N PRO C 94 2.63 0.14 -23.70
CA PRO C 94 2.48 0.79 -22.40
C PRO C 94 3.24 -0.05 -21.36
N ILE C 95 3.63 0.59 -20.25
CA ILE C 95 4.16 -0.05 -19.02
C ILE C 95 2.93 -0.54 -18.27
N PHE C 96 2.95 -1.78 -17.81
CA PHE C 96 1.90 -2.42 -16.99
C PHE C 96 2.21 -2.13 -15.52
N ALA C 97 1.25 -1.54 -14.82
CA ALA C 97 1.22 -1.39 -13.35
C ALA C 97 0.20 -2.38 -12.78
N ASN C 98 0.69 -3.56 -12.38
CA ASN C 98 -0.12 -4.65 -11.78
C ASN C 98 -0.34 -4.39 -10.29
N ILE C 99 -1.56 -4.07 -9.93
CA ILE C 99 -1.95 -3.75 -8.54
C ILE C 99 -2.54 -4.99 -7.88
N THR C 100 -1.96 -5.42 -6.77
CA THR C 100 -2.29 -6.67 -6.04
C THR C 100 -2.37 -6.42 -4.54
N LEU C 101 -3.05 -7.30 -3.83
CA LEU C 101 -3.09 -7.27 -2.34
C LEU C 101 -1.71 -7.68 -1.89
N PRO C 102 -1.15 -7.08 -0.83
CA PRO C 102 -0.05 -7.68 -0.12
C PRO C 102 -0.60 -8.92 0.59
N VAL C 103 0.33 -9.75 1.04
CA VAL C 103 0.08 -10.73 2.13
C VAL C 103 0.09 -9.94 3.43
N TYR C 104 -1.05 -9.52 3.94
CA TYR C 104 -1.07 -8.75 5.20
C TYR C 104 -0.66 -9.73 6.29
N THR C 105 -0.13 -9.21 7.42
CA THR C 105 -0.04 -10.00 8.66
C THR C 105 -1.46 -10.35 9.07
N LEU C 106 -1.62 -11.47 9.79
CA LEU C 106 -2.94 -11.85 10.35
C LEU C 106 -3.47 -10.69 11.20
N LYS C 107 -2.61 -10.10 12.03
CA LYS C 107 -3.02 -9.03 12.94
C LYS C 107 -3.55 -7.87 12.08
N GLU C 108 -2.82 -7.44 11.04
CA GLU C 108 -3.30 -6.28 10.25
C GLU C 108 -4.65 -6.63 9.60
N ARG C 109 -4.80 -7.85 9.13
CA ARG C 109 -6.02 -8.27 8.42
C ARG C 109 -7.17 -8.25 9.41
N CYS C 110 -6.96 -8.76 10.64
CA CYS C 110 -7.95 -8.66 11.74
C CYS C 110 -8.26 -7.20 12.04
N LEU C 111 -7.25 -6.32 12.15
CA LEU C 111 -7.52 -4.87 12.39
C LEU C 111 -8.40 -4.30 11.28
N GLN C 112 -8.15 -4.65 10.00
CA GLN C 112 -8.99 -4.19 8.86
C GLN C 112 -10.47 -4.59 9.06
N VAL C 113 -10.70 -5.87 9.34
CA VAL C 113 -12.08 -6.42 9.50
C VAL C 113 -12.77 -5.74 10.68
N VAL C 114 -12.13 -5.64 11.85
CA VAL C 114 -12.71 -4.97 13.06
C VAL C 114 -12.96 -3.48 12.72
N ARG C 115 -12.01 -2.81 12.10
CA ARG C 115 -12.23 -1.39 11.70
C ARG C 115 -13.44 -1.28 10.76
N SER C 116 -13.71 -2.28 9.94
CA SER C 116 -14.79 -2.25 8.92
C SER C 116 -16.12 -2.44 9.62
N LEU C 117 -16.15 -3.05 10.80
CA LEU C 117 -17.40 -3.43 11.52
C LEU C 117 -17.70 -2.46 12.66
N VAL C 118 -16.72 -1.67 13.11
CA VAL C 118 -16.80 -0.85 14.36
C VAL C 118 -16.36 0.59 14.07
N LYS C 119 -17.21 1.55 14.46
CA LYS C 119 -16.98 3.01 14.39
C LYS C 119 -15.82 3.35 15.33
N PRO C 120 -14.92 4.27 14.92
CA PRO C 120 -13.83 4.70 15.77
C PRO C 120 -14.25 5.08 17.21
N GLU C 121 -15.44 5.69 17.37
CA GLU C 121 -16.02 6.13 18.68
C GLU C 121 -16.10 4.92 19.61
N ASN C 122 -16.31 3.73 19.06
CA ASN C 122 -16.74 2.52 19.81
C ASN C 122 -15.56 1.58 20.03
N TYR C 123 -14.39 1.89 19.46
CA TYR C 123 -13.19 1.01 19.56
C TYR C 123 -12.95 0.63 21.02
N ARG C 124 -13.17 1.58 21.92
CA ARG C 124 -12.74 1.48 23.33
C ARG C 124 -13.78 0.71 24.15
N ARG C 125 -14.94 0.41 23.57
CA ARG C 125 -15.99 -0.40 24.24
C ARG C 125 -15.72 -1.90 23.96
N LEU C 126 -14.84 -2.22 23.02
CA LEU C 126 -14.48 -3.64 22.75
C LEU C 126 -13.72 -4.18 23.95
N ASP C 127 -13.92 -5.47 24.22
CA ASP C 127 -13.35 -6.19 25.38
C ASP C 127 -11.97 -6.73 25.00
N ILE C 128 -10.92 -5.89 24.95
CA ILE C 128 -9.57 -6.30 24.47
C ILE C 128 -8.50 -5.50 25.21
N VAL C 129 -7.26 -6.00 25.23
CA VAL C 129 -6.11 -5.28 25.85
C VAL C 129 -6.00 -3.88 25.24
N ARG C 130 -5.59 -2.94 26.07
CA ARG C 130 -5.55 -1.49 25.76
C ARG C 130 -4.65 -1.27 24.54
N SER C 131 -3.59 -2.06 24.41
CA SER C 131 -2.59 -1.89 23.33
C SER C 131 -3.29 -2.12 21.96
N LEU C 132 -4.40 -2.88 21.94
CA LEU C 132 -5.17 -3.16 20.70
C LEU C 132 -6.03 -1.96 20.33
N TYR C 133 -6.55 -1.21 21.31
CA TYR C 133 -7.24 0.09 21.06
C TYR C 133 -6.33 0.98 20.20
N GLU C 134 -5.08 1.13 20.61
CA GLU C 134 -4.05 1.93 19.91
C GLU C 134 -3.82 1.37 18.51
N ASP C 135 -3.67 0.06 18.38
CA ASP C 135 -3.50 -0.62 17.06
C ASP C 135 -4.69 -0.29 16.15
N LEU C 136 -5.92 -0.39 16.63
CA LEU C 136 -7.11 -0.03 15.84
C LEU C 136 -7.04 1.43 15.38
N GLU C 137 -6.74 2.36 16.29
CA GLU C 137 -6.75 3.82 16.03
C GLU C 137 -5.60 4.26 15.15
N ASP C 138 -4.58 3.40 14.97
CA ASP C 138 -3.46 3.69 14.04
C ASP C 138 -3.94 3.34 12.61
N HIS C 139 -4.79 4.18 12.03
CA HIS C 139 -5.40 3.91 10.69
C HIS C 139 -4.35 4.00 9.60
N PRO C 140 -4.39 3.07 8.62
CA PRO C 140 -3.63 3.19 7.40
C PRO C 140 -3.84 4.60 6.88
N ASN C 141 -2.76 5.17 6.37
CA ASN C 141 -2.69 6.62 6.10
C ASN C 141 -1.57 6.84 5.09
N VAL C 142 -1.83 7.60 4.04
CA VAL C 142 -0.82 7.78 2.97
C VAL C 142 0.38 8.63 3.50
N GLN C 143 0.11 9.73 4.20
N GLN C 143 0.10 9.72 4.21
CA GLN C 143 1.17 10.66 4.67
CA GLN C 143 1.15 10.66 4.68
C GLN C 143 2.11 9.89 5.61
C GLN C 143 2.10 9.91 5.62
N LYS C 144 1.57 9.14 6.57
CA LYS C 144 2.42 8.34 7.48
C LYS C 144 3.27 7.34 6.66
N ASP C 145 2.73 6.69 5.63
CA ASP C 145 3.50 5.74 4.79
C ASP C 145 4.58 6.47 3.98
N LEU C 146 4.29 7.68 3.52
CA LEU C 146 5.28 8.45 2.74
C LEU C 146 6.52 8.72 3.60
N GLU C 147 6.32 9.03 4.89
CA GLU C 147 7.44 9.25 5.86
C GLU C 147 8.28 7.97 5.96
N ARG C 148 7.63 6.82 6.13
CA ARG C 148 8.37 5.54 6.13
C ARG C 148 9.05 5.32 4.77
N LEU C 149 8.32 5.50 3.67
CA LEU C 149 8.91 5.18 2.33
C LEU C 149 10.09 6.11 2.03
N THR C 150 9.96 7.40 2.38
CA THR C 150 11.04 8.39 2.22
C THR C 150 12.33 7.89 2.89
N GLN C 151 12.23 7.32 4.09
CA GLN C 151 13.39 6.81 4.87
C GLN C 151 13.94 5.58 4.16
N GLU C 152 13.05 4.67 3.75
CA GLU C 152 13.43 3.44 2.98
C GLU C 152 14.17 3.76 1.70
N ARG C 153 13.81 4.83 0.97
CA ARG C 153 14.29 5.09 -0.41
C ARG C 153 15.57 5.93 -0.39
N ILE C 154 16.02 6.41 0.78
CA ILE C 154 17.32 7.15 0.90
C ILE C 154 18.42 6.34 0.24
N ALA C 155 18.53 5.05 0.61
CA ALA C 155 19.50 4.03 0.11
C ALA C 155 19.36 3.78 -1.39
N HIS C 156 18.18 4.03 -1.96
CA HIS C 156 17.92 3.88 -3.43
C HIS C 156 18.16 5.23 -4.14
N GLN C 157 18.96 6.12 -3.55
CA GLN C 157 19.46 7.41 -4.11
C GLN C 157 18.28 8.35 -4.36
N GLU D 18 0.56 51.36 -26.40
CA GLU D 18 1.53 50.20 -26.30
C GLU D 18 2.83 50.70 -25.64
N LYS D 19 3.70 51.28 -26.46
CA LYS D 19 5.04 51.82 -26.11
C LYS D 19 4.87 53.26 -25.62
N LEU D 20 5.18 53.55 -24.37
CA LEU D 20 5.12 54.94 -23.86
C LEU D 20 6.41 55.69 -24.23
N SER D 21 6.42 57.00 -24.02
CA SER D 21 7.52 57.93 -24.33
C SER D 21 8.74 57.50 -23.51
N PRO D 22 9.95 57.42 -24.11
CA PRO D 22 11.11 56.87 -23.44
C PRO D 22 11.43 57.51 -22.07
N ASN D 23 11.80 56.69 -21.11
CA ASN D 23 12.41 57.13 -19.84
C ASN D 23 13.80 57.69 -20.14
N PRO D 24 14.38 58.43 -19.19
CA PRO D 24 15.81 58.74 -19.25
C PRO D 24 16.62 57.45 -19.32
N PRO D 25 17.77 57.47 -20.01
CA PRO D 25 18.54 56.24 -20.19
C PRO D 25 19.03 55.55 -18.91
N ASN D 26 19.49 56.30 -17.89
N ASN D 26 19.46 56.32 -17.90
CA ASN D 26 20.04 55.68 -16.66
CA ASN D 26 20.03 55.77 -16.65
C ASN D 26 18.93 54.93 -15.89
C ASN D 26 18.96 54.98 -15.87
N LEU D 27 17.72 55.50 -15.81
CA LEU D 27 16.58 54.81 -15.17
C LEU D 27 16.38 53.43 -15.83
N THR D 28 16.23 53.41 -17.16
CA THR D 28 16.02 52.19 -17.95
C THR D 28 17.17 51.22 -17.69
N LYS D 29 18.40 51.72 -17.71
CA LYS D 29 19.59 50.87 -17.52
C LYS D 29 19.51 50.21 -16.14
N LYS D 30 19.20 50.96 -15.09
CA LYS D 30 19.02 50.39 -13.72
C LYS D 30 17.89 49.34 -13.71
N MET D 31 16.75 49.64 -14.34
CA MET D 31 15.63 48.67 -14.38
C MET D 31 16.12 47.34 -15.00
N LYS D 32 16.77 47.39 -16.16
CA LYS D 32 17.30 46.16 -16.87
C LYS D 32 18.33 45.39 -16.01
N LYS D 33 19.25 46.10 -15.37
N LYS D 33 19.24 46.11 -15.35
CA LYS D 33 20.32 45.47 -14.53
CA LYS D 33 20.32 45.47 -14.55
C LYS D 33 19.68 44.75 -13.34
C LYS D 33 19.68 44.76 -13.34
N ILE D 34 18.66 45.35 -12.71
CA ILE D 34 17.96 44.74 -11.55
C ILE D 34 17.23 43.47 -12.01
N VAL D 35 16.41 43.54 -13.06
N VAL D 35 16.41 43.57 -13.06
CA VAL D 35 15.56 42.39 -13.44
CA VAL D 35 15.56 42.42 -13.50
C VAL D 35 16.46 41.27 -13.98
C VAL D 35 16.48 41.29 -13.95
N ASP D 36 17.53 41.64 -14.70
CA ASP D 36 18.55 40.68 -15.20
C ASP D 36 19.13 39.90 -14.01
N ALA D 37 19.54 40.60 -12.97
CA ALA D 37 20.23 39.96 -11.83
C ALA D 37 19.24 39.03 -11.11
N VAL D 38 18.00 39.49 -10.97
CA VAL D 38 16.91 38.72 -10.30
C VAL D 38 16.67 37.43 -11.10
N ILE D 39 16.57 37.56 -12.42
CA ILE D 39 16.28 36.38 -13.28
C ILE D 39 17.46 35.39 -13.19
N LYS D 40 18.70 35.89 -13.17
CA LYS D 40 19.91 35.05 -13.22
C LYS D 40 20.13 34.35 -11.89
N TYR D 41 19.55 34.88 -10.82
CA TYR D 41 19.85 34.45 -9.43
C TYR D 41 19.76 32.92 -9.34
N LYS D 42 20.77 32.30 -8.74
CA LYS D 42 20.82 30.83 -8.56
C LYS D 42 20.86 30.50 -7.07
N ASP D 43 20.08 29.49 -6.65
CA ASP D 43 20.28 28.81 -5.33
C ASP D 43 21.78 28.60 -5.12
N SER D 44 22.35 29.13 -4.04
CA SER D 44 23.82 29.12 -3.78
C SER D 44 24.36 27.67 -3.74
N SER D 45 23.59 26.71 -3.19
CA SER D 45 24.06 25.31 -2.93
C SER D 45 23.71 24.39 -4.12
N SER D 46 22.51 24.51 -4.72
CA SER D 46 22.00 23.61 -5.79
C SER D 46 22.24 24.19 -7.21
N GLY D 47 22.50 25.50 -7.32
CA GLY D 47 22.74 26.19 -8.60
C GLY D 47 21.48 26.35 -9.46
N ARG D 48 20.32 25.95 -8.95
CA ARG D 48 19.02 26.12 -9.65
C ARG D 48 18.68 27.61 -9.76
N GLN D 49 18.39 28.07 -10.98
CA GLN D 49 17.93 29.46 -11.22
C GLN D 49 16.47 29.58 -10.78
N LEU D 50 16.20 30.35 -9.73
CA LEU D 50 14.88 30.33 -9.04
C LEU D 50 13.77 30.91 -9.93
N SER D 51 14.09 31.82 -10.85
CA SER D 51 13.09 32.54 -11.69
C SER D 51 12.44 31.65 -12.75
N GLU D 52 12.98 30.45 -13.03
CA GLU D 52 12.65 29.67 -14.26
C GLU D 52 11.15 29.55 -14.46
N VAL D 53 10.42 29.15 -13.41
CA VAL D 53 8.95 28.91 -13.48
C VAL D 53 8.22 30.23 -13.69
N PHE D 54 8.79 31.35 -13.25
CA PHE D 54 8.13 32.67 -13.27
C PHE D 54 8.39 33.43 -14.57
N ILE D 55 9.15 32.87 -15.52
CA ILE D 55 9.53 33.61 -16.75
C ILE D 55 8.26 33.83 -17.58
N GLN D 56 7.46 32.77 -17.75
CA GLN D 56 6.22 32.77 -18.57
C GLN D 56 5.09 32.06 -17.83
N LEU D 57 3.97 32.74 -17.60
CA LEU D 57 2.71 32.17 -17.09
C LEU D 57 2.37 30.92 -17.90
N PRO D 58 1.83 29.86 -17.27
CA PRO D 58 1.29 28.71 -18.00
C PRO D 58 0.05 29.16 -18.78
N SER D 59 -0.31 28.38 -19.80
CA SER D 59 -1.50 28.61 -20.67
C SER D 59 -2.76 28.70 -19.80
N ARG D 60 -3.74 29.51 -20.19
CA ARG D 60 -5.12 29.41 -19.64
C ARG D 60 -5.57 27.93 -19.69
N LYS D 61 -5.18 27.24 -20.76
CA LYS D 61 -5.51 25.80 -20.95
C LYS D 61 -4.90 24.97 -19.82
N GLU D 62 -3.59 25.12 -19.57
CA GLU D 62 -2.78 24.30 -18.64
C GLU D 62 -3.23 24.54 -17.20
N LEU D 63 -3.56 25.79 -16.84
CA LEU D 63 -3.75 26.19 -15.43
C LEU D 63 -4.90 27.20 -15.33
N PRO D 64 -6.13 26.75 -15.64
CA PRO D 64 -7.28 27.65 -15.71
C PRO D 64 -7.66 28.21 -14.34
N GLU D 65 -7.37 27.44 -13.28
CA GLU D 65 -7.60 27.84 -11.87
C GLU D 65 -6.75 29.08 -11.59
N TYR D 66 -5.55 29.17 -12.18
CA TYR D 66 -4.62 30.31 -11.93
C TYR D 66 -5.34 31.62 -12.25
N TYR D 67 -6.01 31.67 -13.40
CA TYR D 67 -6.69 32.88 -13.93
C TYR D 67 -8.01 33.14 -13.20
N GLU D 68 -8.67 32.11 -12.65
CA GLU D 68 -9.89 32.31 -11.82
C GLU D 68 -9.48 32.87 -10.46
N LEU D 69 -8.29 32.50 -9.97
CA LEU D 69 -7.80 32.85 -8.61
C LEU D 69 -6.98 34.16 -8.58
N ILE D 70 -6.32 34.54 -9.68
CA ILE D 70 -5.34 35.68 -9.72
C ILE D 70 -5.86 36.75 -10.68
N ARG D 71 -6.27 37.90 -10.16
CA ARG D 71 -6.97 38.92 -10.99
C ARG D 71 -5.99 39.58 -11.99
N LYS D 72 -4.76 39.87 -11.57
CA LYS D 72 -3.73 40.59 -12.39
C LYS D 72 -2.52 39.69 -12.56
N PRO D 73 -2.60 38.67 -13.42
CA PRO D 73 -1.42 37.88 -13.78
C PRO D 73 -0.31 38.77 -14.35
N VAL D 74 0.94 38.37 -14.10
CA VAL D 74 2.20 39.02 -14.56
C VAL D 74 3.31 37.96 -14.49
N ASP D 75 4.25 37.99 -15.44
CA ASP D 75 5.45 37.12 -15.45
C ASP D 75 6.68 37.97 -15.79
N PHE D 76 7.88 37.40 -15.77
CA PHE D 76 9.11 38.20 -16.00
C PHE D 76 9.19 38.65 -17.45
N LYS D 77 8.67 37.85 -18.36
CA LYS D 77 8.64 38.22 -19.78
C LYS D 77 7.80 39.51 -19.92
N LYS D 78 6.65 39.60 -19.25
CA LYS D 78 5.83 40.85 -19.23
C LYS D 78 6.59 42.01 -18.57
N ILE D 79 7.30 41.72 -17.49
CA ILE D 79 7.99 42.79 -16.73
C ILE D 79 9.07 43.38 -17.62
N LYS D 80 9.84 42.54 -18.33
CA LYS D 80 10.87 43.02 -19.28
C LYS D 80 10.21 43.85 -20.39
N GLU D 81 9.02 43.45 -20.82
CA GLU D 81 8.30 44.14 -21.91
C GLU D 81 7.95 45.54 -21.42
N ARG D 82 7.57 45.68 -20.15
CA ARG D 82 7.15 46.97 -19.57
C ARG D 82 8.37 47.87 -19.36
N ILE D 83 9.54 47.30 -19.06
CA ILE D 83 10.80 48.09 -19.00
C ILE D 83 11.05 48.65 -20.40
N ARG D 84 11.10 47.77 -21.39
CA ARG D 84 11.46 48.11 -22.78
C ARG D 84 10.52 49.18 -23.31
N ASN D 85 9.22 49.10 -22.97
CA ASN D 85 8.15 49.96 -23.52
C ASN D 85 7.89 51.13 -22.59
N HIS D 86 8.69 51.26 -21.54
CA HIS D 86 8.70 52.44 -20.63
C HIS D 86 7.34 52.55 -19.92
N LYS D 87 6.67 51.44 -19.61
CA LYS D 87 5.43 51.49 -18.80
C LYS D 87 5.83 51.86 -17.37
N TYR D 88 6.94 51.37 -16.84
CA TYR D 88 7.42 51.85 -15.51
C TYR D 88 8.10 53.22 -15.66
N ARG D 89 7.78 54.17 -14.77
CA ARG D 89 8.38 55.55 -14.72
C ARG D 89 9.31 55.69 -13.51
N SER D 90 9.47 54.62 -12.73
CA SER D 90 10.37 54.58 -11.54
C SER D 90 10.74 53.14 -11.16
N LEU D 91 11.76 52.99 -10.34
CA LEU D 91 12.12 51.68 -9.75
C LEU D 91 10.94 51.22 -8.88
N ASN D 92 10.19 52.15 -8.28
CA ASN D 92 9.00 51.84 -7.45
C ASN D 92 7.94 51.18 -8.32
N ASP D 93 7.71 51.67 -9.54
CA ASP D 93 6.72 51.07 -10.45
C ASP D 93 7.15 49.63 -10.75
N LEU D 94 8.42 49.44 -11.08
CA LEU D 94 8.99 48.11 -11.38
C LEU D 94 8.81 47.21 -10.15
N GLU D 95 9.23 47.71 -8.98
CA GLU D 95 9.20 46.93 -7.72
C GLU D 95 7.78 46.42 -7.50
N LYS D 96 6.78 47.27 -7.73
N LYS D 96 6.79 47.27 -7.74
CA LYS D 96 5.36 46.89 -7.49
CA LYS D 96 5.36 46.90 -7.49
C LYS D 96 4.98 45.69 -8.37
C LYS D 96 4.99 45.70 -8.37
N ASP D 97 5.40 45.71 -9.64
CA ASP D 97 5.09 44.58 -10.55
C ASP D 97 5.81 43.29 -10.11
N VAL D 98 7.06 43.42 -9.68
CA VAL D 98 7.82 42.24 -9.21
C VAL D 98 7.17 41.67 -7.93
N MET D 99 6.79 42.54 -6.98
CA MET D 99 6.15 42.10 -5.72
C MET D 99 4.76 41.51 -6.04
N LEU D 100 4.08 42.01 -7.09
CA LEU D 100 2.77 41.47 -7.51
C LEU D 100 2.96 40.05 -8.06
N LEU D 101 4.00 39.84 -8.89
CA LEU D 101 4.33 38.49 -9.41
C LEU D 101 4.46 37.54 -8.21
N CYS D 102 5.29 37.90 -7.23
CA CYS D 102 5.63 37.01 -6.10
C CYS D 102 4.40 36.78 -5.21
N GLN D 103 3.67 37.85 -4.89
CA GLN D 103 2.39 37.80 -4.15
C GLN D 103 1.42 36.88 -4.89
N ASN D 104 1.29 36.98 -6.21
CA ASN D 104 0.42 36.05 -6.98
C ASN D 104 0.89 34.61 -6.77
N ALA D 105 2.20 34.35 -6.84
CA ALA D 105 2.70 32.98 -6.64
C ALA D 105 2.26 32.51 -5.26
N GLN D 106 2.27 33.43 -4.28
CA GLN D 106 2.02 33.08 -2.85
C GLN D 106 0.52 32.87 -2.63
N THR D 107 -0.34 33.63 -3.29
CA THR D 107 -1.81 33.45 -3.31
C THR D 107 -2.16 32.10 -3.93
N PHE D 108 -1.60 31.74 -5.09
CA PHE D 108 -2.04 30.55 -5.86
C PHE D 108 -1.53 29.25 -5.22
N ASN D 109 -0.30 29.25 -4.68
CA ASN D 109 0.41 28.03 -4.23
C ASN D 109 0.39 27.98 -2.69
N LEU D 110 0.60 26.78 -2.15
CA LEU D 110 0.65 26.55 -0.68
C LEU D 110 1.98 27.07 -0.12
N GLU D 111 1.92 27.78 0.99
CA GLU D 111 3.06 28.01 1.92
C GLU D 111 3.86 26.71 2.00
N GLY D 112 5.19 26.75 1.85
CA GLY D 112 6.02 25.52 1.90
C GLY D 112 6.20 24.82 0.55
N SER D 113 5.35 25.04 -0.46
CA SER D 113 5.61 24.52 -1.83
C SER D 113 6.90 25.14 -2.37
N LEU D 114 7.53 24.48 -3.34
CA LEU D 114 8.79 24.96 -3.94
C LEU D 114 8.56 26.32 -4.62
N ILE D 115 7.43 26.49 -5.29
CA ILE D 115 7.16 27.73 -6.07
C ILE D 115 6.85 28.86 -5.08
N TYR D 116 6.01 28.61 -4.06
CA TYR D 116 5.78 29.55 -2.94
C TYR D 116 7.12 30.03 -2.38
N GLU D 117 8.00 29.11 -2.01
CA GLU D 117 9.24 29.47 -1.27
C GLU D 117 10.21 30.20 -2.21
N ASP D 118 10.26 29.78 -3.47
CA ASP D 118 11.06 30.47 -4.51
C ASP D 118 10.62 31.92 -4.60
N SER D 119 9.31 32.18 -4.52
CA SER D 119 8.78 33.54 -4.73
C SER D 119 9.20 34.41 -3.55
N ILE D 120 9.27 33.84 -2.32
CA ILE D 120 9.71 34.56 -1.09
C ILE D 120 11.17 34.98 -1.32
N VAL D 121 12.00 34.06 -1.80
CA VAL D 121 13.45 34.32 -1.94
C VAL D 121 13.59 35.40 -3.00
N LEU D 122 12.81 35.32 -4.09
CA LEU D 122 12.90 36.31 -5.21
C LEU D 122 12.55 37.72 -4.72
N GLN D 123 11.59 37.91 -3.81
CA GLN D 123 11.28 39.25 -3.24
C GLN D 123 12.55 39.82 -2.62
N SER D 124 13.22 39.01 -1.82
CA SER D 124 14.38 39.51 -1.05
C SER D 124 15.58 39.63 -1.99
N VAL D 125 15.64 38.85 -3.07
CA VAL D 125 16.68 39.04 -4.14
C VAL D 125 16.45 40.39 -4.82
N PHE D 126 15.20 40.71 -5.23
CA PHE D 126 14.87 42.00 -5.88
C PHE D 126 15.31 43.18 -5.00
N THR D 127 14.91 43.16 -3.73
N THR D 127 14.89 43.17 -3.74
CA THR D 127 15.22 44.21 -2.74
CA THR D 127 15.24 44.21 -2.73
C THR D 127 16.75 44.37 -2.66
C THR D 127 16.77 44.37 -2.72
N SER D 128 17.48 43.27 -2.42
CA SER D 128 18.96 43.28 -2.29
C SER D 128 19.58 43.86 -3.57
N VAL D 129 19.12 43.43 -4.73
CA VAL D 129 19.72 43.85 -6.02
C VAL D 129 19.40 45.32 -6.24
N ARG D 130 18.15 45.74 -5.97
CA ARG D 130 17.78 47.17 -6.15
C ARG D 130 18.68 48.06 -5.29
N GLN D 131 18.92 47.68 -4.03
CA GLN D 131 19.81 48.45 -3.11
C GLN D 131 21.23 48.50 -3.72
N LYS D 132 21.81 47.35 -4.08
CA LYS D 132 23.18 47.29 -4.67
C LYS D 132 23.24 48.22 -5.89
N ILE D 133 22.22 48.19 -6.77
CA ILE D 133 22.27 48.93 -8.07
C ILE D 133 21.96 50.41 -7.86
N GLU D 134 21.08 50.78 -6.93
CA GLU D 134 20.84 52.22 -6.65
C GLU D 134 22.15 52.84 -6.15
N LYS D 135 22.80 52.22 -5.16
CA LYS D 135 24.10 52.65 -4.59
C LYS D 135 25.09 52.93 -5.74
N GLU D 136 25.38 51.96 -6.61
CA GLU D 136 26.20 52.15 -7.84
C GLU D 136 25.81 53.47 -8.52
N ASP D 137 26.75 54.42 -8.61
CA ASP D 137 26.51 55.77 -9.19
C ASP D 137 26.32 55.65 -10.71
N1 A1BB4 E . -8.33 6.33 -14.08
N3 A1BB4 E . -0.26 14.13 -14.56
C4 A1BB4 E . -6.90 8.04 -14.38
C5 A1BB4 E . -6.23 9.23 -14.97
C6 A1BB4 E . -6.97 10.36 -15.32
C7 A1BB4 E . -6.32 11.46 -15.87
C8 A1BB4 E . -4.94 11.44 -16.07
C10 A1BB4 E . -4.60 12.53 -18.22
C13 A1BB4 E . -0.69 11.79 -14.20
C15 A1BB4 E . 0.47 13.70 -13.36
C17 A1BB4 E . 0.26 16.54 -14.32
C20 A1BB4 E . 2.72 18.04 -16.55
C21 A1BB4 E . 4.53 19.35 -17.38
C22 A1BB4 E . 5.26 19.01 -18.67
C24 A1BB4 E . 4.12 20.65 -14.70
C26 A1BB4 E . 2.88 22.77 -14.37
C28 A1BB4 E . 3.38 26.49 -13.75
C1 A1BB4 E . -8.89 7.84 -15.97
C2 A1BB4 E . -8.03 7.40 -14.80
C3 A1BB4 E . -7.56 6.00 -13.12
S A1BB4 E . -6.25 7.11 -13.03
C9 A1BB4 E . -4.32 12.64 -16.70
N2 A1BB4 E . -2.88 12.59 -16.46
C11 A1BB4 E . -2.35 13.14 -15.36
O1 A1BB4 E . -3.02 13.74 -14.55
C12 A1BB4 E . -0.87 12.96 -15.17
C14 A1BB4 E . 0.63 12.17 -13.50
O2 A1BB4 E . 1.75 11.80 -14.28
C16 A1BB4 E . -0.38 15.38 -15.05
O3 A1BB4 E . -1.02 15.58 -16.07
C18 A1BB4 E . 1.41 17.03 -15.14
C19 A1BB4 E . 1.37 17.96 -16.12
O4 A1BB4 E . 3.20 18.87 -17.51
C23 A1BB4 E . 4.55 20.86 -17.11
N4 A1BB4 E . 3.65 21.20 -15.99
C25 A1BB4 E . 3.39 21.49 -13.62
N5 A1BB4 E . 3.25 24.00 -13.67
C27 A1BB4 E . 3.02 25.19 -14.52
N6 A1BB4 E . 2.56 26.62 -12.52
C29 A1BB4 E . 2.64 27.83 -11.81
C30 A1BB4 E . 3.12 29.03 -12.36
C31 A1BB4 E . 3.15 30.19 -11.55
C32 A1BB4 E . 3.65 31.49 -12.06
C33 A1BB4 E . 4.39 31.53 -13.27
C34 A1BB4 E . 4.85 32.72 -13.76
C35 A1BB4 E . 4.64 33.89 -13.04
C36 A1BB4 E . 3.94 33.87 -11.85
C37 A1BB4 E . 3.45 32.67 -11.35
O5 A1BB4 E . 2.78 32.71 -10.18
N7 A1BB4 E . 2.74 30.12 -10.29
N8 A1BB4 E . 2.31 29.03 -9.78
C38 A1BB4 E . 2.24 27.89 -10.46
N9 A1BB4 E . 1.74 26.75 -9.81
C39 A1BB4 E . 1.83 25.42 -10.44
C40 A1BB4 E . 2.77 25.42 -11.67
C41 A1BB4 E . 2.43 24.14 -12.46
C42 A1BB4 E . 3.58 22.63 -15.75
N10 A1BB4 E . 3.42 17.19 -15.82
O6 A1BB4 E . 2.69 16.63 -15.02
C43 A1BB4 E . -0.79 17.64 -14.07
C44 A1BB4 E . -0.14 18.80 -13.29
C45 A1BB4 E . -1.97 17.11 -13.24
C46 A1BB4 E . -4.20 10.31 -15.74
C47 A1BB4 E . -4.84 9.20 -15.18
C1 GOL F . -12.55 -5.97 2.04
O1 GOL F . -12.48 -4.61 1.64
C2 GOL F . -12.91 -6.08 3.50
O2 GOL F . -12.79 -7.45 3.90
C3 GOL F . -12.04 -5.16 4.34
O3 GOL F . -11.95 -5.58 5.70
C1 EDO G . -7.87 15.00 -10.78
O1 EDO G . -6.87 15.36 -11.71
C2 EDO G . -8.80 13.99 -11.35
O2 EDO G . -8.11 13.17 -12.31
CL CL H . -4.68 10.81 -1.42
#